data_4Z55
#
_entry.id   4Z55
#
_cell.length_a   51.560
_cell.length_b   57.520
_cell.length_c   105.420
_cell.angle_alpha   90.000
_cell.angle_beta   90.000
_cell.angle_gamma   90.000
#
_symmetry.space_group_name_H-M   'P 21 21 21'
#
loop_
_entity.id
_entity.type
_entity.pdbx_description
1 polymer 'ALK tyrosine kinase receptor'
2 non-polymer GLYCEROL
3 non-polymer N~6~-[5-methyl-4-(1-methylpiperidin-4-yl)-2-(propan-2-yloxy)phenyl]-N~4~-[2-(propan-2-ylsulfonyl)phenyl]-2H-pyrazolo[3,4-d]pyrimidine-4,6-diamine
4 water water
#
_entity_poly.entity_id   1
_entity_poly.type   'polypeptide(L)'
_entity_poly.pdbx_seq_one_letter_code
;ELQSPEYKLSKLRTSTIMTDYNPNYCFAGKTSSISDLKEVPRKNITLIRGLGHGAFGEVYEGQVSGMPNDPSPLQVAVKT
LPEVCSEQDELDFLMEALIISKFNHQNIVRCIGVSLQSLPRFILLELMAGGDLKSFLRETRPRPSQPSSLAMLDLLHVAR
DIACGCQYLEENHFIHRDIAARNCLLTCPGPGRVAKIGDFGMARDIYRAGYYRKGGCAMLPVKWMPPEAFMEGIFTSKTD
TWSFGVLLWEIFSLGYMPYPSKSNQEVLEFVTSGGRMDPPKNCPGPVYRIMTQCWQHQPEDRPNFAIILERIEYCTQDPD
VINTALPIEYGPLVEEEEK
;
_entity_poly.pdbx_strand_id   A
#
loop_
_chem_comp.id
_chem_comp.type
_chem_comp.name
_chem_comp.formula
4LO non-polymer N~6~-[5-methyl-4-(1-methylpiperidin-4-yl)-2-(propan-2-yloxy)phenyl]-N~4~-[2-(propan-2-ylsulfonyl)phenyl]-2H-pyrazolo[3,4-d]pyrimidine-4,6-diamine 'C30 H39 N7 O3 S'
GOL non-polymer GLYCEROL 'C3 H8 O3'
#
# COMPACT_ATOMS: atom_id res chain seq x y z
N ASN A 22 -22.81 -13.34 9.57
CA ASN A 22 -21.76 -12.36 9.74
C ASN A 22 -20.39 -12.95 10.04
N PRO A 23 -19.46 -12.92 9.01
CA PRO A 23 -18.14 -13.43 9.38
C PRO A 23 -17.59 -12.35 10.32
N ASN A 24 -16.78 -12.76 11.29
CA ASN A 24 -16.22 -11.86 12.26
C ASN A 24 -14.83 -11.47 11.74
N TYR A 25 -14.35 -10.31 12.17
CA TYR A 25 -13.02 -9.79 11.84
C TYR A 25 -12.32 -9.38 13.12
N CYS A 26 -11.07 -9.83 13.30
CA CYS A 26 -10.31 -9.46 14.49
CA CYS A 26 -10.26 -9.56 14.50
C CYS A 26 -9.03 -8.72 14.15
N PHE A 27 -8.82 -7.61 14.88
CA PHE A 27 -7.67 -6.70 14.74
C PHE A 27 -7.41 -6.10 16.10
N ALA A 28 -6.12 -6.04 16.50
CA ALA A 28 -5.66 -5.51 17.80
C ALA A 28 -6.45 -6.10 18.97
N GLY A 29 -6.76 -7.39 18.84
CA GLY A 29 -7.50 -8.16 19.82
C GLY A 29 -8.98 -7.88 19.95
N LYS A 30 -9.54 -7.00 19.08
CA LYS A 30 -10.96 -6.66 19.13
C LYS A 30 -11.65 -7.28 17.96
N THR A 31 -12.87 -7.77 18.18
CA THR A 31 -13.66 -8.40 17.15
C THR A 31 -14.74 -7.44 16.69
N SER A 32 -15.03 -7.46 15.38
CA SER A 32 -16.07 -6.63 14.75
CA SER A 32 -16.08 -6.64 14.78
C SER A 32 -16.79 -7.45 13.70
N SER A 33 -17.99 -7.00 13.30
CA SER A 33 -18.79 -7.69 12.29
C SER A 33 -19.50 -6.65 11.43
N ILE A 34 -20.23 -7.09 10.37
CA ILE A 34 -21.00 -6.25 9.45
C ILE A 34 -21.80 -5.19 10.22
N SER A 35 -22.38 -5.58 11.38
CA SER A 35 -23.17 -4.69 12.22
C SER A 35 -22.44 -3.46 12.75
N ASP A 36 -21.11 -3.55 12.93
CA ASP A 36 -20.35 -2.40 13.43
C ASP A 36 -20.01 -1.38 12.35
N LEU A 37 -20.23 -1.72 11.06
CA LEU A 37 -19.94 -0.78 9.98
C LEU A 37 -20.96 0.34 9.95
N LYS A 38 -20.51 1.55 9.61
CA LYS A 38 -21.37 2.73 9.54
C LYS A 38 -22.09 2.77 8.21
N GLU A 39 -23.40 2.43 8.23
CA GLU A 39 -24.24 2.43 7.03
C GLU A 39 -24.68 3.84 6.70
N VAL A 40 -24.28 4.34 5.52
CA VAL A 40 -24.59 5.69 5.05
C VAL A 40 -25.83 5.60 4.14
N PRO A 41 -26.91 6.37 4.41
CA PRO A 41 -28.10 6.28 3.53
C PRO A 41 -27.73 6.52 2.05
N ARG A 42 -28.20 5.64 1.14
CA ARG A 42 -27.90 5.71 -0.30
C ARG A 42 -28.22 7.07 -0.92
N LYS A 43 -29.33 7.73 -0.47
CA LYS A 43 -29.75 9.05 -0.97
C LYS A 43 -28.72 10.17 -0.70
N ASN A 44 -27.82 9.97 0.29
CA ASN A 44 -26.78 10.95 0.63
C ASN A 44 -25.52 10.78 -0.23
N ILE A 45 -25.49 9.76 -1.10
CA ILE A 45 -24.32 9.43 -1.91
C ILE A 45 -24.50 9.79 -3.37
N THR A 46 -23.58 10.60 -3.91
CA THR A 46 -23.58 10.96 -5.32
C THR A 46 -22.24 10.59 -5.95
N LEU A 47 -22.30 9.93 -7.10
CA LEU A 47 -21.11 9.61 -7.91
C LEU A 47 -20.87 10.77 -8.88
N ILE A 48 -19.59 11.15 -9.05
CA ILE A 48 -19.15 12.27 -9.91
C ILE A 48 -18.46 11.77 -11.18
N ARG A 49 -17.49 10.85 -11.04
CA ARG A 49 -16.70 10.33 -12.16
C ARG A 49 -15.96 9.06 -11.79
N GLY A 50 -15.67 8.23 -12.78
CA GLY A 50 -14.90 7.01 -12.63
C GLY A 50 -13.43 7.32 -12.43
N LEU A 51 -12.75 6.55 -11.57
CA LEU A 51 -11.32 6.77 -11.29
C LEU A 51 -10.46 5.64 -11.84
N GLY A 52 -11.13 4.59 -12.28
CA GLY A 52 -10.49 3.38 -12.78
C GLY A 52 -11.03 2.17 -12.06
N HIS A 53 -10.33 1.03 -12.15
CA HIS A 53 -10.77 -0.20 -11.54
C HIS A 53 -9.89 -0.70 -10.44
N GLY A 54 -10.53 -1.25 -9.42
CA GLY A 54 -9.88 -1.91 -8.30
C GLY A 54 -9.87 -3.40 -8.57
N ALA A 55 -9.91 -4.20 -7.50
CA ALA A 55 -9.90 -5.65 -7.59
C ALA A 55 -11.25 -6.21 -8.09
N PHE A 56 -12.37 -5.80 -7.45
CA PHE A 56 -13.73 -6.25 -7.77
C PHE A 56 -14.28 -5.54 -8.99
N GLY A 57 -14.56 -4.25 -8.83
CA GLY A 57 -15.13 -3.41 -9.86
C GLY A 57 -14.58 -2.01 -9.93
N GLU A 58 -15.40 -1.08 -10.40
CA GLU A 58 -15.01 0.30 -10.62
C GLU A 58 -14.89 1.09 -9.33
N VAL A 59 -14.03 2.10 -9.33
CA VAL A 59 -13.87 3.02 -8.20
C VAL A 59 -14.30 4.39 -8.75
N TYR A 60 -15.08 5.15 -7.97
CA TYR A 60 -15.56 6.48 -8.38
C TYR A 60 -15.18 7.54 -7.41
N GLU A 61 -15.14 8.78 -7.89
CA GLU A 61 -15.04 9.94 -7.05
C GLU A 61 -16.50 10.23 -6.75
N GLY A 62 -16.80 10.52 -5.49
CA GLY A 62 -18.15 10.81 -5.04
C GLY A 62 -18.24 11.84 -3.95
N GLN A 63 -19.46 12.06 -3.44
CA GLN A 63 -19.78 12.99 -2.36
C GLN A 63 -20.79 12.41 -1.39
N VAL A 64 -20.63 12.72 -0.12
CA VAL A 64 -21.53 12.27 0.91
C VAL A 64 -22.09 13.48 1.68
N SER A 65 -23.42 13.45 1.85
CA SER A 65 -24.29 14.35 2.64
C SER A 65 -24.11 15.83 2.49
N PRO A 73 -20.06 18.97 2.02
CA PRO A 73 -20.07 17.52 1.73
C PRO A 73 -18.70 16.88 1.80
N LEU A 74 -18.68 15.60 2.22
CA LEU A 74 -17.45 14.82 2.33
C LEU A 74 -17.06 14.33 0.94
N GLN A 75 -15.79 14.51 0.59
CA GLN A 75 -15.25 14.05 -0.69
CA GLN A 75 -15.27 14.04 -0.70
C GLN A 75 -14.81 12.62 -0.49
N VAL A 76 -15.34 11.70 -1.29
CA VAL A 76 -15.03 10.28 -1.13
C VAL A 76 -14.61 9.56 -2.39
N ALA A 77 -13.92 8.43 -2.19
CA ALA A 77 -13.62 7.45 -3.21
C ALA A 77 -14.65 6.34 -2.89
N VAL A 78 -15.38 5.89 -3.89
CA VAL A 78 -16.46 4.91 -3.74
C VAL A 78 -16.02 3.62 -4.40
N LYS A 79 -15.75 2.58 -3.60
CA LYS A 79 -15.40 1.26 -4.13
C LYS A 79 -16.71 0.52 -4.31
N THR A 80 -16.93 -0.05 -5.49
CA THR A 80 -18.18 -0.75 -5.80
C THR A 80 -17.95 -2.25 -5.95
N LEU A 81 -19.01 -2.99 -5.67
CA LEU A 81 -19.04 -4.43 -5.81
C LEU A 81 -19.97 -4.73 -7.01
N PRO A 82 -19.46 -5.39 -8.06
CA PRO A 82 -20.34 -5.73 -9.20
C PRO A 82 -21.55 -6.53 -8.73
N GLU A 83 -22.72 -6.23 -9.27
CA GLU A 83 -23.94 -6.97 -8.92
C GLU A 83 -23.84 -8.42 -9.39
N VAL A 84 -23.12 -8.66 -10.51
CA VAL A 84 -22.90 -10.02 -10.99
C VAL A 84 -21.59 -10.46 -10.35
N CYS A 85 -21.70 -11.12 -9.21
CA CYS A 85 -20.55 -11.62 -8.45
C CYS A 85 -20.96 -12.89 -7.70
N SER A 86 -19.95 -13.67 -7.26
CA SER A 86 -20.19 -14.89 -6.49
C SER A 86 -20.38 -14.52 -5.00
N GLU A 87 -20.86 -15.47 -4.17
CA GLU A 87 -21.06 -15.25 -2.73
C GLU A 87 -19.71 -14.99 -2.04
N GLN A 88 -18.62 -15.55 -2.59
CA GLN A 88 -17.24 -15.38 -2.10
C GLN A 88 -16.77 -13.92 -2.31
N ASP A 89 -17.10 -13.33 -3.50
CA ASP A 89 -16.79 -11.93 -3.82
C ASP A 89 -17.46 -10.98 -2.81
N GLU A 90 -18.73 -11.27 -2.43
CA GLU A 90 -19.53 -10.49 -1.47
C GLU A 90 -18.86 -10.51 -0.12
N LEU A 91 -18.42 -11.72 0.31
CA LEU A 91 -17.76 -11.90 1.59
C LEU A 91 -16.41 -11.18 1.58
N ASP A 92 -15.66 -11.27 0.45
CA ASP A 92 -14.39 -10.58 0.25
C ASP A 92 -14.59 -9.06 0.37
N PHE A 93 -15.68 -8.54 -0.23
CA PHE A 93 -16.03 -7.13 -0.19
C PHE A 93 -16.36 -6.72 1.25
N LEU A 94 -17.18 -7.52 1.96
CA LEU A 94 -17.49 -7.21 3.36
C LEU A 94 -16.20 -7.18 4.20
N MET A 95 -15.30 -8.14 3.99
CA MET A 95 -14.05 -8.18 4.77
C MET A 95 -13.18 -6.95 4.51
N GLU A 96 -13.16 -6.47 3.27
CA GLU A 96 -12.38 -5.27 2.94
C GLU A 96 -12.86 -4.06 3.77
N ALA A 97 -14.19 -3.88 3.86
CA ALA A 97 -14.83 -2.81 4.63
C ALA A 97 -14.47 -2.95 6.11
N LEU A 98 -14.51 -4.18 6.65
CA LEU A 98 -14.19 -4.40 8.07
C LEU A 98 -12.72 -4.07 8.37
N ILE A 99 -11.81 -4.52 7.51
CA ILE A 99 -10.37 -4.29 7.66
C ILE A 99 -10.06 -2.79 7.72
N ILE A 100 -10.48 -2.02 6.72
CA ILE A 100 -10.17 -0.59 6.66
C ILE A 100 -10.85 0.23 7.78
N SER A 101 -12.14 -0.11 8.12
CA SER A 101 -12.85 0.62 9.17
CA SER A 101 -12.88 0.58 9.18
C SER A 101 -12.21 0.48 10.55
N LYS A 102 -11.48 -0.62 10.79
CA LYS A 102 -10.85 -0.84 12.10
C LYS A 102 -9.47 -0.23 12.28
N PHE A 103 -8.84 0.29 11.21
CA PHE A 103 -7.55 0.97 11.42
C PHE A 103 -7.82 2.37 11.86
N ASN A 104 -6.89 2.94 12.63
CA ASN A 104 -6.93 4.33 13.04
C ASN A 104 -5.53 4.94 12.95
N HIS A 105 -5.15 5.42 11.75
CA HIS A 105 -3.82 6.02 11.62
C HIS A 105 -3.83 7.02 10.48
N GLN A 106 -3.13 8.11 10.67
CA GLN A 106 -3.11 9.20 9.67
C GLN A 106 -2.55 8.76 8.31
N ASN A 107 -1.74 7.68 8.24
CA ASN A 107 -1.15 7.22 6.97
C ASN A 107 -1.84 6.00 6.39
N ILE A 108 -3.12 5.78 6.77
CA ILE A 108 -3.95 4.76 6.19
C ILE A 108 -5.26 5.44 5.85
N VAL A 109 -5.73 5.32 4.60
CA VAL A 109 -6.99 5.99 4.19
C VAL A 109 -8.12 5.69 5.19
N ARG A 110 -8.91 6.72 5.52
CA ARG A 110 -10.05 6.55 6.43
C ARG A 110 -11.24 5.93 5.68
N CYS A 111 -12.18 5.29 6.42
CA CYS A 111 -13.40 4.75 5.82
C CYS A 111 -14.53 5.61 6.40
N ILE A 112 -15.20 6.36 5.51
CA ILE A 112 -16.34 7.23 5.89
C ILE A 112 -17.49 6.31 6.34
N GLY A 113 -17.65 5.21 5.63
CA GLY A 113 -18.68 4.23 5.93
C GLY A 113 -18.89 3.30 4.76
N VAL A 114 -20.06 2.68 4.73
CA VAL A 114 -20.45 1.73 3.69
C VAL A 114 -21.90 2.00 3.27
N SER A 115 -22.30 1.39 2.14
CA SER A 115 -23.69 1.36 1.67
C SER A 115 -23.92 -0.06 1.18
N LEU A 116 -24.17 -0.97 2.12
CA LEU A 116 -24.33 -2.40 1.80
C LEU A 116 -25.79 -2.83 1.66
N GLN A 117 -26.73 -1.95 2.01
CA GLN A 117 -28.16 -2.30 1.99
C GLN A 117 -28.86 -1.91 0.68
N SER A 118 -28.10 -1.39 -0.28
CA SER A 118 -28.59 -1.06 -1.62
C SER A 118 -27.58 -1.62 -2.59
N LEU A 119 -28.03 -1.94 -3.82
CA LEU A 119 -27.20 -2.50 -4.88
C LEU A 119 -26.94 -1.49 -6.00
N PRO A 120 -25.70 -1.36 -6.54
CA PRO A 120 -24.47 -2.10 -6.18
C PRO A 120 -23.95 -1.65 -4.82
N ARG A 121 -23.35 -2.58 -4.06
CA ARG A 121 -22.85 -2.27 -2.72
C ARG A 121 -21.64 -1.35 -2.79
N PHE A 122 -21.53 -0.42 -1.82
CA PHE A 122 -20.42 0.54 -1.80
C PHE A 122 -19.61 0.51 -0.49
N ILE A 123 -18.31 0.86 -0.61
CA ILE A 123 -17.41 1.17 0.51
C ILE A 123 -16.99 2.61 0.21
N LEU A 124 -17.13 3.49 1.21
CA LEU A 124 -16.82 4.92 1.08
C LEU A 124 -15.52 5.24 1.79
N LEU A 125 -14.53 5.71 1.03
CA LEU A 125 -13.21 6.01 1.61
C LEU A 125 -12.80 7.44 1.44
N GLU A 126 -11.82 7.88 2.26
CA GLU A 126 -11.22 9.19 2.19
C GLU A 126 -10.71 9.45 0.75
N LEU A 127 -11.21 10.48 0.06
CA LEU A 127 -10.73 10.73 -1.31
C LEU A 127 -9.30 11.21 -1.30
N MET A 128 -8.44 10.58 -2.12
CA MET A 128 -7.04 10.97 -2.21
C MET A 128 -6.85 11.69 -3.51
N ALA A 129 -6.96 13.03 -3.45
CA ALA A 129 -6.96 13.94 -4.60
C ALA A 129 -5.63 14.04 -5.37
N GLY A 130 -4.61 13.34 -4.88
CA GLY A 130 -3.33 13.28 -5.60
C GLY A 130 -3.19 12.02 -6.43
N GLY A 131 -4.19 11.13 -6.36
CA GLY A 131 -4.17 9.83 -7.02
C GLY A 131 -3.17 8.87 -6.42
N ASP A 132 -2.87 7.78 -7.14
CA ASP A 132 -1.90 6.79 -6.67
C ASP A 132 -0.47 7.32 -6.80
N LEU A 133 0.43 6.75 -6.01
CA LEU A 133 1.82 7.21 -5.98
C LEU A 133 2.55 6.86 -7.29
N LYS A 134 2.28 5.68 -7.87
CA LYS A 134 2.99 5.30 -9.10
C LYS A 134 2.72 6.29 -10.23
N SER A 135 1.45 6.63 -10.45
CA SER A 135 1.09 7.58 -11.49
C SER A 135 1.54 9.00 -11.16
N PHE A 136 1.51 9.40 -9.87
CA PHE A 136 2.01 10.70 -9.41
C PHE A 136 3.51 10.85 -9.73
N LEU A 137 4.32 9.82 -9.45
CA LEU A 137 5.76 9.86 -9.73
C LEU A 137 6.06 10.00 -11.22
N ARG A 138 5.37 9.21 -12.06
CA ARG A 138 5.54 9.27 -13.52
C ARG A 138 5.12 10.62 -14.11
N GLU A 139 3.98 11.16 -13.65
CA GLU A 139 3.42 12.44 -14.11
C GLU A 139 4.13 13.70 -13.60
N THR A 140 4.70 13.66 -12.38
CA THR A 140 5.32 14.81 -11.73
C THR A 140 6.86 14.78 -11.82
N ARG A 141 7.42 13.80 -12.54
CA ARG A 141 8.86 13.64 -12.84
C ARG A 141 9.40 14.99 -13.35
N PRO A 142 10.51 15.55 -12.80
CA PRO A 142 11.04 16.81 -13.36
C PRO A 142 11.25 16.70 -14.87
N ARG A 143 10.79 17.72 -15.58
CA ARG A 143 10.87 17.79 -17.01
C ARG A 143 11.40 19.16 -17.45
N PRO A 144 11.89 19.21 -18.68
CA PRO A 144 12.44 20.45 -19.23
C PRO A 144 11.43 21.60 -19.19
N LEU A 150 9.47 18.50 -8.44
CA LEU A 150 9.78 17.50 -7.42
C LEU A 150 11.26 17.52 -7.00
N ALA A 151 11.53 17.33 -5.69
CA ALA A 151 12.89 17.30 -5.13
C ALA A 151 13.06 16.08 -4.23
N MET A 152 14.31 15.81 -3.79
CA MET A 152 14.65 14.66 -2.93
C MET A 152 13.81 14.70 -1.65
N LEU A 153 13.58 15.91 -1.08
CA LEU A 153 12.79 15.98 0.16
C LEU A 153 11.36 15.50 -0.05
N ASP A 154 10.72 15.78 -1.21
CA ASP A 154 9.35 15.31 -1.49
C ASP A 154 9.29 13.78 -1.42
N LEU A 155 10.32 13.13 -1.99
CA LEU A 155 10.42 11.67 -2.02
C LEU A 155 10.65 11.08 -0.62
N LEU A 156 11.49 11.74 0.16
CA LEU A 156 11.76 11.30 1.52
C LEU A 156 10.52 11.43 2.41
N HIS A 157 9.73 12.49 2.21
CA HIS A 157 8.49 12.69 2.97
C HIS A 157 7.48 11.61 2.61
N VAL A 158 7.35 11.27 1.29
CA VAL A 158 6.45 10.17 0.89
C VAL A 158 6.93 8.88 1.61
N ALA A 159 8.23 8.62 1.57
CA ALA A 159 8.74 7.43 2.19
C ALA A 159 8.47 7.39 3.69
N ARG A 160 8.70 8.46 4.37
CA ARG A 160 8.47 8.53 5.81
C ARG A 160 6.98 8.31 6.12
N ASP A 161 6.13 8.93 5.32
CA ASP A 161 4.68 8.78 5.55
C ASP A 161 4.25 7.28 5.48
N ILE A 162 4.68 6.59 4.44
CA ILE A 162 4.35 5.18 4.28
C ILE A 162 5.01 4.36 5.39
N ALA A 163 6.28 4.70 5.75
CA ALA A 163 6.97 3.96 6.85
C ALA A 163 6.19 4.11 8.17
N CYS A 164 5.58 5.30 8.39
CA CYS A 164 4.76 5.54 9.59
CA CYS A 164 4.78 5.54 9.57
C CYS A 164 3.53 4.62 9.58
N GLY A 165 2.87 4.52 8.43
CA GLY A 165 1.71 3.62 8.29
C GLY A 165 2.13 2.17 8.51
N CYS A 166 3.30 1.78 7.99
CA CYS A 166 3.83 0.41 8.15
C CYS A 166 4.19 0.10 9.58
N GLN A 167 4.74 1.11 10.30
CA GLN A 167 5.09 0.92 11.71
C GLN A 167 3.82 0.71 12.51
N TYR A 168 2.71 1.45 12.17
CA TYR A 168 1.42 1.28 12.84
C TYR A 168 0.92 -0.17 12.61
N LEU A 169 1.03 -0.67 11.37
CA LEU A 169 0.63 -2.07 11.07
C LEU A 169 1.49 -3.06 11.85
N GLU A 170 2.80 -2.86 11.84
CA GLU A 170 3.71 -3.74 12.58
C GLU A 170 3.40 -3.78 14.08
N GLU A 171 3.24 -2.61 14.73
CA GLU A 171 3.00 -2.61 16.18
CA GLU A 171 2.97 -2.56 16.18
C GLU A 171 1.63 -3.22 16.53
N ASN A 172 0.69 -3.28 15.55
CA ASN A 172 -0.62 -3.91 15.70
C ASN A 172 -0.67 -5.33 15.11
N HIS A 173 0.52 -5.92 14.82
CA HIS A 173 0.70 -7.30 14.37
C HIS A 173 -0.10 -7.62 13.09
N PHE A 174 -0.21 -6.62 12.19
CA PHE A 174 -0.92 -6.78 10.92
C PHE A 174 0.12 -6.81 9.80
N ILE A 175 0.13 -7.90 9.02
CA ILE A 175 1.07 -8.05 7.92
C ILE A 175 0.37 -7.60 6.65
N HIS A 176 0.88 -6.51 6.01
CA HIS A 176 0.23 -6.00 4.80
C HIS A 176 0.28 -6.98 3.62
N ARG A 177 1.48 -7.56 3.33
CA ARG A 177 1.76 -8.53 2.24
C ARG A 177 1.86 -7.94 0.84
N ASP A 178 1.48 -6.66 0.65
CA ASP A 178 1.48 -6.06 -0.68
C ASP A 178 1.89 -4.58 -0.68
N ILE A 179 2.94 -4.23 0.09
CA ILE A 179 3.45 -2.84 0.10
C ILE A 179 4.06 -2.60 -1.29
N ALA A 180 3.56 -1.57 -2.01
CA ALA A 180 3.99 -1.23 -3.37
C ALA A 180 3.44 0.15 -3.73
N ALA A 181 4.10 0.86 -4.66
CA ALA A 181 3.66 2.23 -5.03
C ALA A 181 2.20 2.28 -5.53
N ARG A 182 1.76 1.23 -6.26
CA ARG A 182 0.38 1.15 -6.79
C ARG A 182 -0.69 1.12 -5.68
N ASN A 183 -0.28 0.75 -4.43
CA ASN A 183 -1.18 0.67 -3.28
C ASN A 183 -1.10 1.89 -2.37
N CYS A 184 -0.24 2.87 -2.71
CA CYS A 184 -0.10 4.10 -1.94
C CYS A 184 -0.77 5.23 -2.70
N LEU A 185 -1.39 6.14 -1.96
CA LEU A 185 -2.14 7.27 -2.53
C LEU A 185 -1.68 8.59 -1.93
N LEU A 186 -1.96 9.72 -2.60
CA LEU A 186 -1.55 11.05 -2.08
C LEU A 186 -2.75 11.95 -1.86
N THR A 187 -2.74 12.72 -0.76
CA THR A 187 -3.89 13.58 -0.42
C THR A 187 -4.13 14.66 -1.46
N CYS A 188 -3.05 15.18 -2.06
CA CYS A 188 -3.06 16.24 -3.07
C CYS A 188 -1.79 16.19 -3.94
N PRO A 189 -1.77 16.79 -5.16
CA PRO A 189 -0.53 16.76 -5.97
C PRO A 189 0.57 17.69 -5.48
N GLY A 190 0.19 18.82 -4.90
CA GLY A 190 1.13 19.86 -4.49
C GLY A 190 1.79 19.74 -3.13
N PRO A 191 2.54 20.80 -2.72
CA PRO A 191 3.21 20.78 -1.42
C PRO A 191 2.22 20.58 -0.27
N GLY A 192 2.64 19.84 0.75
CA GLY A 192 1.78 19.50 1.87
C GLY A 192 1.10 18.15 1.68
N ARG A 193 1.32 17.49 0.50
CA ARG A 193 0.73 16.15 0.24
C ARG A 193 1.15 15.17 1.31
N VAL A 194 0.24 14.26 1.65
CA VAL A 194 0.49 13.19 2.62
C VAL A 194 0.27 11.86 1.90
N ALA A 195 1.22 10.93 2.01
CA ALA A 195 1.07 9.62 1.40
C ALA A 195 0.45 8.65 2.41
N LYS A 196 -0.44 7.81 1.93
CA LYS A 196 -1.16 6.84 2.77
C LYS A 196 -1.30 5.50 2.09
N ILE A 197 -1.41 4.44 2.87
CA ILE A 197 -1.66 3.10 2.32
C ILE A 197 -3.17 3.05 2.01
N GLY A 198 -3.50 2.71 0.78
CA GLY A 198 -4.90 2.73 0.36
C GLY A 198 -5.50 1.46 -0.19
N ASP A 199 -4.82 0.30 -0.02
CA ASP A 199 -5.34 -0.98 -0.47
C ASP A 199 -4.91 -2.06 0.49
N PHE A 200 -5.84 -2.99 0.81
CA PHE A 200 -5.61 -4.13 1.71
C PHE A 200 -6.15 -5.45 1.10
N GLY A 201 -6.19 -5.52 -0.23
CA GLY A 201 -6.67 -6.68 -1.00
C GLY A 201 -5.95 -7.98 -0.73
N MET A 202 -4.62 -7.97 -0.76
CA MET A 202 -3.86 -9.20 -0.47
C MET A 202 -4.09 -9.67 0.97
N ALA A 203 -4.01 -8.75 1.94
CA ALA A 203 -4.19 -9.08 3.35
C ALA A 203 -5.56 -9.71 3.61
N ARG A 204 -6.59 -9.16 2.96
CA ARG A 204 -7.96 -9.65 3.04
C ARG A 204 -8.03 -11.08 2.52
N ASP A 205 -7.41 -11.36 1.34
CA ASP A 205 -7.39 -12.70 0.73
C ASP A 205 -6.81 -13.74 1.67
N ILE A 206 -5.71 -13.40 2.35
CA ILE A 206 -5.07 -14.30 3.31
C ILE A 206 -5.87 -14.44 4.59
N TYR A 207 -6.57 -13.36 5.02
CA TYR A 207 -7.40 -13.43 6.22
C TYR A 207 -8.54 -14.45 6.08
N ARG A 208 -9.27 -14.38 4.97
CA ARG A 208 -10.36 -15.31 4.72
C ARG A 208 -10.04 -16.75 4.42
N ALA A 209 -9.12 -16.94 3.51
CA ALA A 209 -8.74 -18.26 3.06
C ALA A 209 -7.50 -18.87 3.68
N GLY A 210 -6.55 -18.05 4.12
CA GLY A 210 -5.31 -18.50 4.67
C GLY A 210 -4.23 -18.72 3.63
N TYR A 211 -4.65 -18.74 2.39
CA TYR A 211 -3.79 -18.82 1.21
C TYR A 211 -4.33 -17.87 0.13
N TYR A 212 -3.58 -17.65 -0.96
CA TYR A 212 -3.99 -16.75 -2.03
C TYR A 212 -4.92 -17.43 -3.02
N LYS A 214 -7.85 -16.91 -4.70
CA LYS A 214 -8.16 -15.98 -5.78
C LYS A 214 -7.25 -16.03 -6.96
N GLY A 215 -5.96 -15.98 -6.68
CA GLY A 215 -5.00 -15.94 -7.75
C GLY A 215 -4.28 -17.21 -8.09
N GLY A 216 -3.00 -17.03 -8.17
CA GLY A 216 -2.04 -18.08 -8.51
C GLY A 216 -0.71 -17.41 -8.74
N CYS A 217 0.33 -18.18 -9.09
CA CYS A 217 1.70 -17.68 -9.30
C CYS A 217 1.78 -16.42 -10.18
N ALA A 218 1.06 -16.39 -11.32
CA ALA A 218 1.07 -15.26 -12.24
C ALA A 218 0.50 -13.95 -11.65
N MET A 219 -0.32 -14.03 -10.58
CA MET A 219 -0.91 -12.84 -9.95
C MET A 219 -0.20 -12.37 -8.68
N LEU A 220 0.73 -13.19 -8.15
CA LEU A 220 1.48 -12.83 -6.94
C LEU A 220 2.43 -11.65 -7.20
N PRO A 221 2.55 -10.70 -6.24
CA PRO A 221 3.46 -9.56 -6.46
C PRO A 221 4.91 -9.97 -6.20
N VAL A 222 5.40 -10.97 -6.96
CA VAL A 222 6.74 -11.59 -6.91
C VAL A 222 7.85 -10.55 -6.69
N LYS A 223 7.80 -9.47 -7.47
CA LYS A 223 8.83 -8.43 -7.47
C LYS A 223 8.90 -7.62 -6.15
N TRP A 224 7.92 -7.80 -5.27
CA TRP A 224 7.90 -7.14 -3.97
C TRP A 224 8.12 -8.13 -2.82
N MET A 225 8.31 -9.45 -3.11
CA MET A 225 8.38 -10.43 -2.06
C MET A 225 9.78 -10.95 -1.67
N PRO A 226 10.01 -11.19 -0.35
CA PRO A 226 11.32 -11.72 0.08
C PRO A 226 11.45 -13.23 -0.17
N PRO A 227 12.69 -13.81 -0.12
CA PRO A 227 12.84 -15.24 -0.41
C PRO A 227 11.99 -16.19 0.42
N GLU A 228 11.88 -16.01 1.75
CA GLU A 228 11.07 -16.92 2.58
C GLU A 228 9.57 -16.89 2.24
N ALA A 229 9.08 -15.78 1.65
CA ALA A 229 7.67 -15.63 1.31
C ALA A 229 7.32 -16.43 0.07
N PHE A 230 8.06 -16.25 -1.04
CA PHE A 230 7.69 -16.97 -2.25
C PHE A 230 8.15 -18.45 -2.22
N MET A 231 9.18 -18.79 -1.41
CA MET A 231 9.71 -20.16 -1.28
CA MET A 231 9.71 -20.16 -1.28
C MET A 231 8.95 -21.00 -0.24
N GLU A 232 8.75 -20.46 1.00
CA GLU A 232 8.10 -21.19 2.10
C GLU A 232 6.69 -20.75 2.44
N GLY A 233 6.22 -19.65 1.88
CA GLY A 233 4.91 -19.12 2.25
C GLY A 233 4.93 -18.61 3.69
N ILE A 234 6.15 -18.23 4.20
CA ILE A 234 6.35 -17.68 5.55
C ILE A 234 6.22 -16.15 5.46
N PHE A 235 5.29 -15.58 6.24
CA PHE A 235 5.03 -14.15 6.27
C PHE A 235 5.11 -13.61 7.72
N THR A 236 5.87 -12.51 7.93
CA THR A 236 6.05 -11.81 9.23
C THR A 236 6.09 -10.31 8.91
N SER A 237 6.30 -9.41 9.89
CA SER A 237 6.44 -7.98 9.53
C SER A 237 7.74 -7.73 8.77
N LYS A 238 8.68 -8.71 8.83
CA LYS A 238 9.92 -8.60 8.06
C LYS A 238 9.67 -8.82 6.56
N THR A 239 8.50 -9.38 6.19
CA THR A 239 8.06 -9.50 4.81
C THR A 239 7.80 -8.06 4.33
N ASP A 240 7.06 -7.28 5.15
CA ASP A 240 6.74 -5.88 4.83
C ASP A 240 8.01 -5.03 4.75
N THR A 241 9.01 -5.32 5.60
CA THR A 241 10.29 -4.59 5.50
C THR A 241 10.86 -4.74 4.11
N TRP A 242 10.93 -5.99 3.57
CA TRP A 242 11.46 -6.22 2.26
C TRP A 242 10.66 -5.45 1.19
N SER A 243 9.33 -5.58 1.20
CA SER A 243 8.48 -4.86 0.23
C SER A 243 8.69 -3.36 0.34
N PHE A 244 8.85 -2.83 1.56
CA PHE A 244 9.14 -1.40 1.72
C PHE A 244 10.44 -0.98 1.01
N GLY A 245 11.47 -1.84 1.07
CA GLY A 245 12.71 -1.59 0.33
C GLY A 245 12.46 -1.43 -1.17
N VAL A 246 11.59 -2.30 -1.73
CA VAL A 246 11.21 -2.24 -3.15
C VAL A 246 10.44 -0.96 -3.43
N LEU A 247 9.48 -0.62 -2.54
CA LEU A 247 8.76 0.66 -2.64
C LEU A 247 9.74 1.84 -2.67
N LEU A 248 10.76 1.82 -1.82
CA LEU A 248 11.76 2.91 -1.78
C LEU A 248 12.44 3.03 -3.15
N TRP A 249 12.76 1.91 -3.78
CA TRP A 249 13.33 1.90 -5.13
C TRP A 249 12.34 2.50 -6.13
N GLU A 250 11.05 2.10 -6.02
CA GLU A 250 10.03 2.67 -6.92
C GLU A 250 9.95 4.19 -6.72
N ILE A 251 10.06 4.67 -5.47
CA ILE A 251 9.99 6.10 -5.20
C ILE A 251 11.19 6.83 -5.78
N PHE A 252 12.42 6.38 -5.45
CA PHE A 252 13.63 7.10 -5.87
C PHE A 252 13.96 6.91 -7.34
N SER A 253 13.35 5.90 -8.00
CA SER A 253 13.48 5.75 -9.47
C SER A 253 12.46 6.63 -10.22
N LEU A 254 11.56 7.30 -9.45
CA LEU A 254 10.49 8.14 -9.98
C LEU A 254 9.44 7.29 -10.75
N GLY A 255 9.10 6.12 -10.21
CA GLY A 255 8.02 5.33 -10.77
C GLY A 255 8.33 4.23 -11.76
N TYR A 256 9.59 3.77 -11.83
CA TYR A 256 9.91 2.65 -12.70
C TYR A 256 9.42 1.34 -12.10
N MET A 257 9.19 0.37 -12.97
CA MET A 257 8.85 -0.98 -12.57
C MET A 257 10.13 -1.63 -11.96
N PRO A 258 10.04 -2.24 -10.74
CA PRO A 258 11.23 -2.91 -10.17
C PRO A 258 11.84 -3.98 -11.09
N TYR A 259 13.15 -4.22 -10.94
CA TYR A 259 13.95 -5.19 -11.73
C TYR A 259 13.76 -4.96 -13.23
N PRO A 260 14.14 -3.75 -13.75
CA PRO A 260 13.95 -3.46 -15.19
C PRO A 260 14.37 -4.59 -16.12
N SER A 261 13.47 -4.95 -17.05
CA SER A 261 13.59 -5.97 -18.12
C SER A 261 13.50 -7.42 -17.60
N LYS A 262 13.36 -7.63 -16.26
CA LYS A 262 13.26 -8.98 -15.72
C LYS A 262 11.81 -9.42 -15.51
N SER A 263 11.52 -10.68 -15.85
CA SER A 263 10.22 -11.31 -15.63
C SER A 263 10.14 -11.78 -14.18
N ASN A 264 8.94 -12.17 -13.70
CA ASN A 264 8.78 -12.67 -12.32
C ASN A 264 9.70 -13.84 -12.01
N GLN A 265 9.76 -14.86 -12.90
CA GLN A 265 10.63 -16.02 -12.63
C GLN A 265 12.10 -15.63 -12.59
N GLU A 266 12.53 -14.70 -13.48
CA GLU A 266 13.91 -14.22 -13.50
C GLU A 266 14.21 -13.52 -12.17
N VAL A 267 13.25 -12.72 -11.66
CA VAL A 267 13.41 -12.02 -10.37
C VAL A 267 13.52 -13.03 -9.23
N LEU A 268 12.64 -14.02 -9.19
CA LEU A 268 12.65 -15.07 -8.18
C LEU A 268 14.04 -15.70 -8.12
N GLU A 269 14.60 -16.11 -9.28
CA GLU A 269 15.92 -16.75 -9.34
C GLU A 269 17.06 -15.80 -8.93
N PHE A 270 16.98 -14.56 -9.41
CA PHE A 270 17.96 -13.51 -9.11
C PHE A 270 18.00 -13.23 -7.61
N VAL A 271 16.83 -12.96 -6.99
CA VAL A 271 16.76 -12.61 -5.57
C VAL A 271 17.20 -13.77 -4.68
N THR A 272 16.73 -14.99 -4.98
CA THR A 272 17.09 -16.18 -4.20
C THR A 272 18.57 -16.46 -4.23
N SER A 273 19.26 -16.07 -5.33
CA SER A 273 20.70 -16.25 -5.51
CA SER A 273 20.70 -16.25 -5.52
C SER A 273 21.53 -15.11 -4.93
N GLY A 274 20.86 -14.12 -4.31
CA GLY A 274 21.50 -12.96 -3.69
C GLY A 274 21.49 -11.69 -4.49
N GLY A 275 20.93 -11.73 -5.70
CA GLY A 275 20.85 -10.60 -6.61
C GLY A 275 19.97 -9.50 -6.05
N ARG A 276 20.42 -8.25 -6.15
CA ARG A 276 19.67 -7.04 -5.68
C ARG A 276 19.68 -5.96 -6.74
N MET A 277 18.66 -5.08 -6.75
CA MET A 277 18.64 -3.98 -7.71
C MET A 277 19.78 -3.00 -7.49
N ASP A 278 20.20 -2.34 -8.56
CA ASP A 278 21.21 -1.30 -8.48
C ASP A 278 20.53 -0.04 -7.90
N PRO A 279 21.27 0.99 -7.46
CA PRO A 279 20.59 2.22 -7.05
C PRO A 279 19.87 2.85 -8.23
N PRO A 280 18.71 3.48 -7.97
CA PRO A 280 18.04 4.27 -9.02
C PRO A 280 18.96 5.42 -9.43
N LYS A 281 18.71 6.01 -10.61
CA LYS A 281 19.51 7.12 -11.14
C LYS A 281 19.57 8.27 -10.14
N ASN A 282 20.83 8.72 -9.82
CA ASN A 282 21.09 9.81 -8.88
C ASN A 282 20.73 9.52 -7.42
N CYS A 283 20.45 8.25 -7.08
CA CYS A 283 20.04 7.96 -5.71
C CYS A 283 21.16 8.23 -4.71
N PRO A 284 20.93 9.06 -3.69
CA PRO A 284 21.97 9.25 -2.66
C PRO A 284 22.32 7.93 -1.96
N GLY A 285 23.60 7.75 -1.65
CA GLY A 285 24.12 6.56 -0.96
C GLY A 285 23.37 6.18 0.32
N PRO A 286 23.10 7.14 1.24
CA PRO A 286 22.39 6.80 2.47
C PRO A 286 20.98 6.22 2.22
N VAL A 287 20.32 6.63 1.12
CA VAL A 287 18.96 6.15 0.75
C VAL A 287 19.08 4.73 0.22
N TYR A 288 20.05 4.52 -0.68
CA TYR A 288 20.30 3.17 -1.24
C TYR A 288 20.64 2.18 -0.13
N ARG A 289 21.38 2.62 0.92
CA ARG A 289 21.75 1.73 2.03
C ARG A 289 20.54 1.29 2.84
N ILE A 290 19.48 2.13 2.90
CA ILE A 290 18.26 1.70 3.56
C ILE A 290 17.65 0.55 2.74
N MET A 291 17.61 0.68 1.41
CA MET A 291 17.06 -0.37 0.53
C MET A 291 17.81 -1.66 0.73
N THR A 292 19.16 -1.63 0.67
CA THR A 292 19.96 -2.84 0.84
C THR A 292 19.76 -3.47 2.24
N GLN A 293 19.52 -2.66 3.30
CA GLN A 293 19.22 -3.19 4.64
C GLN A 293 17.84 -3.87 4.64
N CYS A 294 16.82 -3.27 3.95
CA CYS A 294 15.49 -3.89 3.81
C CYS A 294 15.55 -5.23 3.09
N TRP A 295 16.53 -5.39 2.19
CA TRP A 295 16.68 -6.62 1.39
C TRP A 295 17.70 -7.61 1.94
N GLN A 296 17.98 -7.60 3.25
CA GLN A 296 18.89 -8.63 3.79
C GLN A 296 18.22 -10.00 3.60
N HIS A 297 19.00 -11.03 3.20
CA HIS A 297 18.44 -12.37 2.98
C HIS A 297 17.67 -12.92 4.19
N GLN A 298 18.25 -12.84 5.39
CA GLN A 298 17.65 -13.34 6.63
C GLN A 298 16.67 -12.31 7.21
N PRO A 299 15.42 -12.69 7.49
CA PRO A 299 14.45 -11.71 8.07
C PRO A 299 14.96 -11.03 9.34
N GLU A 300 15.66 -11.79 10.21
CA GLU A 300 16.23 -11.26 11.46
C GLU A 300 17.28 -10.18 11.23
N ASP A 301 17.88 -10.10 10.01
CA ASP A 301 18.88 -9.07 9.72
C ASP A 301 18.26 -7.81 9.11
N ARG A 302 16.95 -7.84 8.81
CA ARG A 302 16.26 -6.68 8.24
C ARG A 302 15.84 -5.73 9.40
N PRO A 303 15.81 -4.41 9.18
CA PRO A 303 15.37 -3.51 10.26
C PRO A 303 13.86 -3.56 10.44
N ASN A 304 13.36 -3.26 11.64
CA ASN A 304 11.92 -3.11 11.85
C ASN A 304 11.53 -1.67 11.37
N PHE A 305 10.24 -1.31 11.39
CA PHE A 305 9.87 0.01 10.85
C PHE A 305 10.30 1.20 11.72
N ALA A 306 10.51 0.99 13.02
CA ALA A 306 11.01 2.05 13.89
C ALA A 306 12.42 2.44 13.44
N ILE A 307 13.28 1.46 13.12
CA ILE A 307 14.66 1.68 12.63
C ILE A 307 14.61 2.30 11.22
N ILE A 308 13.73 1.79 10.36
CA ILE A 308 13.59 2.36 9.01
C ILE A 308 13.25 3.85 9.12
N LEU A 309 12.27 4.20 9.97
CA LEU A 309 11.88 5.60 10.19
C LEU A 309 13.06 6.48 10.66
N GLU A 310 13.85 5.99 11.62
CA GLU A 310 15.01 6.72 12.13
C GLU A 310 16.02 7.01 11.01
N ARG A 311 16.20 6.00 10.13
CA ARG A 311 17.15 6.11 9.00
C ARG A 311 16.64 7.09 7.94
N ILE A 312 15.32 7.08 7.63
CA ILE A 312 14.74 8.05 6.69
C ILE A 312 14.88 9.44 7.30
N GLU A 313 14.54 9.59 8.60
CA GLU A 313 14.67 10.88 9.31
C GLU A 313 16.08 11.45 9.19
N TYR A 314 17.12 10.60 9.41
CA TYR A 314 18.52 11.04 9.27
C TYR A 314 18.85 11.51 7.84
N CYS A 315 18.33 10.80 6.81
CA CYS A 315 18.52 11.20 5.40
C CYS A 315 17.94 12.59 5.17
N THR A 316 16.76 12.89 5.75
CA THR A 316 16.11 14.21 5.56
C THR A 316 16.91 15.34 6.18
N GLN A 317 17.71 15.03 7.21
CA GLN A 317 18.57 15.98 7.90
C GLN A 317 19.89 16.25 7.15
N ASP A 318 20.33 15.29 6.33
CA ASP A 318 21.60 15.33 5.60
C ASP A 318 21.53 16.26 4.37
N PRO A 319 22.22 17.43 4.39
CA PRO A 319 22.17 18.33 3.22
C PRO A 319 22.64 17.69 1.92
N ASP A 320 23.65 16.82 2.01
CA ASP A 320 24.19 16.11 0.84
C ASP A 320 23.14 15.20 0.20
N VAL A 321 22.18 14.70 0.99
CA VAL A 321 21.12 13.89 0.43
C VAL A 321 20.08 14.79 -0.22
N ILE A 322 19.51 15.73 0.57
CA ILE A 322 18.39 16.53 0.08
C ILE A 322 18.80 17.58 -0.98
N ASN A 323 20.09 17.88 -1.10
CA ASN A 323 20.52 18.82 -2.17
C ASN A 323 20.86 18.07 -3.47
N THR A 324 20.67 16.72 -3.52
CA THR A 324 20.95 15.95 -4.73
C THR A 324 19.85 16.20 -5.73
N ALA A 325 20.20 16.60 -6.97
CA ALA A 325 19.19 16.85 -7.99
C ALA A 325 18.63 15.55 -8.52
N LEU A 326 17.32 15.54 -8.80
CA LEU A 326 16.67 14.42 -9.41
C LEU A 326 16.93 14.52 -10.90
N PRO A 327 17.10 13.38 -11.59
CA PRO A 327 17.31 13.43 -13.05
C PRO A 327 16.14 14.04 -13.80
N ILE A 328 16.41 14.77 -14.90
CA ILE A 328 15.33 15.41 -15.67
C ILE A 328 15.01 14.59 -16.93
C1 GOL B . -2.01 -10.52 8.90
O1 GOL B . -1.83 -9.64 9.98
C2 GOL B . -3.40 -10.34 8.32
O2 GOL B . -4.35 -11.04 9.14
C3 GOL B . -3.42 -10.88 6.92
O3 GOL B . -2.44 -10.22 6.13
C1 GOL C . -11.22 5.66 11.46
O1 GOL C . -9.81 5.54 11.28
C2 GOL C . -11.93 4.69 10.54
O2 GOL C . -13.33 4.98 10.44
C3 GOL C . -11.31 4.78 9.18
O3 GOL C . -11.51 3.56 8.50
C1 4LO D . -9.82 12.44 -7.51
C2 4LO D . -8.68 11.63 -8.17
C3 4LO D . -7.33 12.35 -8.16
C12 4LO D . -5.24 10.79 -13.52
C13 4LO D . -4.19 8.63 -12.72
C14 4LO D . -4.70 8.62 -11.25
C15 4LO D . -6.40 7.11 -8.77
C16 4LO D . -5.67 5.85 -9.16
C17 4LO D . -6.90 7.23 -7.47
C18 4LO D . -7.57 8.34 -7.03
C20 4LO D . -8.36 7.45 -4.91
C22 4LO D . -8.69 5.12 -4.67
C24 4LO D . -8.56 3.44 -6.42
C25 4LO D . -8.73 4.28 -7.48
C26 4LO D . -8.63 3.85 -8.78
C27 4LO D . -8.34 2.55 -9.03
C28 4LO D . -8.13 1.66 -8.01
C29 4LO D . -8.24 2.11 -6.71
O4 4LO D . -8.47 10.43 -7.43
C5 4LO D . -7.78 9.37 -7.92
C6 4LO D . -7.31 9.27 -9.22
C7 4LO D . -6.63 8.14 -9.65
C8 4LO D . -6.11 8.06 -11.11
C9 4LO D . -7.06 8.83 -12.03
C10 4LO D . -6.52 8.70 -13.48
N11 4LO D . -5.20 9.31 -13.54
N19 4LO D . -8.04 8.46 -5.75
N21 4LO D . -8.43 6.23 -5.38
N23 4LO D . -8.71 3.86 -5.14
S30 4LO D . -8.00 0.90 -5.45
O31 4LO D . -8.70 1.28 -4.37
O32 4LO D . -8.35 -0.31 -5.94
C33 4LO D . -6.27 0.79 -4.99
C34 4LO D . -5.63 0.35 -6.29
C35 4LO D . -5.79 2.14 -4.42
C36 4LO D . -8.91 5.38 -3.34
C37 4LO D . -9.22 4.56 -2.11
N38 4LO D . -9.33 5.34 -1.17
N39 4LO D . -9.15 6.60 -1.53
C40 4LO D . -8.88 6.65 -2.83
N41 4LO D . -8.61 7.68 -3.63
#